data_4HE2
#
_entry.id   4HE2
#
_cell.length_a   73.366
_cell.length_b   73.366
_cell.length_c   146.622
_cell.angle_alpha   90.000
_cell.angle_beta   90.000
_cell.angle_gamma   90.000
#
_symmetry.space_group_name_H-M   'P 42 21 2'
#
loop_
_entity.id
_entity.type
_entity.pdbx_description
1 polymer 'Fructose-1,6-bisphosphatase isozyme 2'
2 non-polymer 'ADENOSINE MONOPHOSPHATE'
3 non-polymer 'PHOSPHITE ION'
4 non-polymer 'MAGNESIUM ION'
5 non-polymer 'ZINC ION'
6 non-polymer 'CHLORIDE ION'
7 water water
#
_entity_poly.entity_id   1
_entity_poly.type   'polypeptide(L)'
_entity_poly.pdbx_seq_one_letter_code
;TDRSPFETDMLTLTRYVMEKGRQAKGTGELTRLLNSMLTAIKAISSAVRKAGLAHLYGIAGSVNVTGDEVKKLDVLSNSL
VINMLQSSYSTCVLVSEENKDAIITAKEKRGKYVVCFDPLDGSSNIDCLASIGTIFAIYRKTSEDEPSEKDALQCGRNIV
AAGYALYGSATLVALSTGQGVDLFMLDPALGEFVLVEKDVKIKKKGKIYSLNEGYAKYFDAATTEYVQKKKFPEDGSAPY
GARYVGSMVADVHRTLVYGGIFLYPANQKSPKGKLRLLYECNPVAYIIEQAGGLATTGTQPVLDVKPEAIHQRVPLILGS
PEDVQEYLTCVQKNQAGS
;
_entity_poly.pdbx_strand_id   A
#
loop_
_chem_comp.id
_chem_comp.type
_chem_comp.name
_chem_comp.formula
AMP non-polymer 'ADENOSINE MONOPHOSPHATE' 'C10 H14 N5 O7 P'
CL non-polymer 'CHLORIDE ION' 'Cl -1'
MG non-polymer 'MAGNESIUM ION' 'Mg 2'
PO3 non-polymer 'PHOSPHITE ION' 'O3 P -3'
ZN non-polymer 'ZINC ION' 'Zn 2'
#
# COMPACT_ATOMS: atom_id res chain seq x y z
N LEU A 11 -6.27 3.82 -23.58
CA LEU A 11 -6.70 2.79 -22.58
C LEU A 11 -6.66 3.43 -21.19
N THR A 12 -7.68 4.22 -20.91
CA THR A 12 -7.71 5.03 -19.70
C THR A 12 -8.17 4.19 -18.52
N LEU A 13 -7.82 4.64 -17.32
CA LEU A 13 -8.17 3.93 -16.10
C LEU A 13 -9.67 3.81 -15.86
N THR A 14 -10.41 4.90 -16.05
CA THR A 14 -11.86 4.85 -15.85
C THR A 14 -12.50 3.85 -16.82
N ARG A 15 -12.08 3.91 -18.09
CA ARG A 15 -12.60 2.96 -19.09
C ARG A 15 -12.22 1.53 -18.73
N TYR A 16 -10.98 1.35 -18.28
CA TYR A 16 -10.45 0.05 -17.87
C TYR A 16 -11.24 -0.51 -16.70
N VAL A 17 -11.46 0.31 -15.67
CA VAL A 17 -12.22 -0.10 -14.48
C VAL A 17 -13.67 -0.46 -14.85
N MET A 18 -14.30 0.34 -15.68
CA MET A 18 -15.68 0.05 -16.12
C MET A 18 -15.78 -1.22 -16.95
N GLU A 19 -14.76 -1.47 -17.77
CA GLU A 19 -14.69 -2.68 -18.59
C GLU A 19 -14.49 -3.93 -17.74
N LYS A 20 -13.59 -3.84 -16.75
CA LYS A 20 -13.39 -4.91 -15.78
C LYS A 20 -14.67 -5.19 -14.98
N GLY A 21 -15.43 -4.12 -14.69
CA GLY A 21 -16.72 -4.26 -14.02
C GLY A 21 -17.72 -5.01 -14.88
N ARG A 22 -17.75 -4.66 -16.17
CA ARG A 22 -18.62 -5.34 -17.15
C ARG A 22 -18.29 -6.83 -17.24
N GLN A 23 -17.00 -7.14 -17.30
CA GLN A 23 -16.51 -8.53 -17.38
C GLN A 23 -16.89 -9.32 -16.14
N ALA A 24 -16.81 -8.66 -14.97
CA ALA A 24 -17.12 -9.29 -13.68
C ALA A 24 -18.62 -9.44 -13.45
N LYS A 25 -19.42 -8.87 -14.33
CA LYS A 25 -20.88 -8.82 -14.19
C LYS A 25 -21.30 -8.12 -12.88
N GLY A 26 -20.48 -7.16 -12.44
CA GLY A 26 -20.77 -6.39 -11.22
C GLY A 26 -22.00 -5.51 -11.37
N THR A 27 -22.60 -5.15 -10.24
CA THR A 27 -23.79 -4.29 -10.24
C THR A 27 -23.40 -2.83 -10.47
N GLY A 28 -22.10 -2.56 -10.51
CA GLY A 28 -21.61 -1.20 -10.67
C GLY A 28 -21.13 -0.59 -9.37
N GLU A 29 -21.39 -1.26 -8.25
CA GLU A 29 -21.08 -0.74 -6.93
C GLU A 29 -19.56 -0.57 -6.70
N LEU A 30 -18.79 -1.62 -6.99
CA LEU A 30 -17.33 -1.51 -6.82
C LEU A 30 -16.75 -0.53 -7.83
N THR A 31 -17.30 -0.55 -9.05
CA THR A 31 -16.87 0.37 -10.10
C THR A 31 -17.02 1.83 -9.67
N ARG A 32 -18.18 2.17 -9.09
CA ARG A 32 -18.40 3.52 -8.58
C ARG A 32 -17.42 3.86 -7.45
N LEU A 33 -17.15 2.88 -6.59
CA LEU A 33 -16.23 3.08 -5.48
CA LEU A 33 -16.23 3.07 -5.48
C LEU A 33 -14.83 3.39 -6.00
N LEU A 34 -14.35 2.56 -6.92
CA LEU A 34 -13.02 2.73 -7.49
C LEU A 34 -12.89 4.07 -8.19
N ASN A 35 -13.90 4.44 -8.97
CA ASN A 35 -13.88 5.75 -9.63
C ASN A 35 -13.78 6.91 -8.63
N SER A 36 -14.53 6.80 -7.54
CA SER A 36 -14.52 7.82 -6.50
C SER A 36 -13.16 7.92 -5.84
N MET A 37 -12.56 6.77 -5.53
CA MET A 37 -11.21 6.74 -4.97
C MET A 37 -10.19 7.38 -5.93
N LEU A 38 -10.28 7.03 -7.21
CA LEU A 38 -9.33 7.53 -8.20
C LEU A 38 -9.51 9.03 -8.48
N THR A 39 -10.74 9.52 -8.35
CA THR A 39 -11.01 10.96 -8.45
C THR A 39 -10.35 11.71 -7.28
N ALA A 40 -10.43 11.13 -6.08
CA ALA A 40 -9.76 11.72 -4.93
C ALA A 40 -8.25 11.78 -5.19
N ILE A 41 -7.71 10.68 -5.72
CA ILE A 41 -6.28 10.61 -6.05
C ILE A 41 -5.87 11.70 -7.04
N LYS A 42 -6.69 11.94 -8.06
CA LYS A 42 -6.36 13.00 -9.02
C LYS A 42 -6.35 14.39 -8.36
N ALA A 43 -7.29 14.62 -7.45
CA ALA A 43 -7.32 15.88 -6.71
C ALA A 43 -6.11 16.02 -5.80
N ILE A 44 -5.74 14.93 -5.12
CA ILE A 44 -4.58 14.95 -4.26
C ILE A 44 -3.31 15.23 -5.08
N SER A 45 -3.18 14.57 -6.23
CA SER A 45 -2.02 14.78 -7.10
C SER A 45 -1.84 16.27 -7.44
N SER A 46 -2.94 16.90 -7.80
CA SER A 46 -2.93 18.31 -8.20
C SER A 46 -2.48 19.18 -7.01
N ALA A 47 -2.97 18.85 -5.83
CA ALA A 47 -2.61 19.61 -4.62
C ALA A 47 -1.14 19.42 -4.27
N VAL A 48 -0.67 18.19 -4.37
CA VAL A 48 0.75 17.90 -4.11
C VAL A 48 1.66 18.66 -5.07
N ARG A 49 1.28 18.69 -6.34
CA ARG A 49 2.12 19.34 -7.35
C ARG A 49 2.19 20.85 -7.17
N LYS A 50 1.28 21.42 -6.40
CA LYS A 50 1.33 22.87 -6.10
C LYS A 50 1.30 23.22 -4.60
N ALA A 51 1.67 22.25 -3.75
CA ALA A 51 1.58 22.38 -2.28
C ALA A 51 2.39 23.53 -1.68
N GLY A 52 3.66 23.66 -2.09
CA GLY A 52 4.56 24.68 -1.57
C GLY A 52 4.03 26.09 -1.78
N LEU A 53 3.38 26.30 -2.93
CA LEU A 53 2.76 27.57 -3.28
C LEU A 53 1.44 27.78 -2.55
N ALA A 54 0.66 26.70 -2.46
CA ALA A 54 -0.66 26.73 -1.85
C ALA A 54 -0.59 26.77 -0.33
N LYS A 72 -0.79 19.71 6.84
CA LYS A 72 -2.13 20.06 6.38
C LYS A 72 -2.51 19.32 5.08
N LEU A 73 -1.52 18.74 4.41
CA LEU A 73 -1.81 17.89 3.26
C LEU A 73 -2.50 16.60 3.68
N ASP A 74 -2.19 16.12 4.88
CA ASP A 74 -2.88 14.98 5.48
C ASP A 74 -4.38 15.28 5.61
N VAL A 75 -4.69 16.46 6.15
CA VAL A 75 -6.07 16.85 6.44
C VAL A 75 -6.90 17.01 5.17
N LEU A 76 -6.33 17.68 4.18
CA LEU A 76 -6.96 17.88 2.87
C LEU A 76 -7.23 16.55 2.15
N SER A 77 -6.20 15.72 2.04
CA SER A 77 -6.31 14.43 1.37
CA SER A 77 -6.32 14.44 1.37
C SER A 77 -7.37 13.57 2.06
N ASN A 78 -7.36 13.59 3.40
CA ASN A 78 -8.31 12.79 4.17
C ASN A 78 -9.75 13.18 3.90
N SER A 79 -10.00 14.49 3.86
CA SER A 79 -11.32 15.00 3.55
C SER A 79 -11.79 14.65 2.15
N LEU A 80 -10.91 14.81 1.16
CA LEU A 80 -11.20 14.43 -0.22
C LEU A 80 -11.61 12.96 -0.29
N VAL A 81 -10.80 12.07 0.29
CA VAL A 81 -11.10 10.64 0.20
C VAL A 81 -12.42 10.28 0.91
N ILE A 82 -12.61 10.75 2.13
CA ILE A 82 -13.82 10.41 2.91
C ILE A 82 -15.08 10.87 2.15
N ASN A 83 -15.07 12.11 1.70
CA ASN A 83 -16.22 12.66 0.99
C ASN A 83 -16.52 11.95 -0.32
N MET A 84 -15.49 11.68 -1.11
CA MET A 84 -15.62 10.96 -2.38
CA MET A 84 -15.65 10.97 -2.36
C MET A 84 -16.15 9.55 -2.14
N LEU A 85 -15.60 8.87 -1.14
CA LEU A 85 -16.02 7.50 -0.88
C LEU A 85 -17.46 7.40 -0.36
N GLN A 86 -17.79 8.21 0.65
CA GLN A 86 -19.13 8.20 1.22
C GLN A 86 -20.21 8.53 0.18
N SER A 87 -19.93 9.51 -0.67
CA SER A 87 -20.94 9.93 -1.65
C SER A 87 -21.10 8.96 -2.84
N SER A 88 -20.24 7.94 -2.90
CA SER A 88 -20.28 6.93 -3.96
C SER A 88 -21.44 5.92 -3.80
N TYR A 89 -22.08 5.93 -2.63
CA TYR A 89 -23.15 4.95 -2.31
C TYR A 89 -22.65 3.51 -2.37
N SER A 90 -21.37 3.30 -2.05
CA SER A 90 -20.79 1.96 -2.14
CA SER A 90 -20.77 1.97 -2.14
C SER A 90 -20.15 1.48 -0.84
N THR A 91 -20.17 2.34 0.18
CA THR A 91 -19.43 2.04 1.42
C THR A 91 -20.32 1.90 2.63
N CYS A 92 -19.84 1.14 3.62
CA CYS A 92 -20.46 1.11 4.94
C CYS A 92 -19.51 1.49 6.07
N VAL A 93 -18.22 1.21 5.89
CA VAL A 93 -17.22 1.48 6.93
C VAL A 93 -15.93 1.96 6.28
N LEU A 94 -15.37 3.04 6.81
CA LEU A 94 -14.06 3.52 6.39
C LEU A 94 -13.11 3.53 7.57
N VAL A 95 -11.86 3.15 7.33
CA VAL A 95 -10.81 3.35 8.31
C VAL A 95 -9.71 4.16 7.65
N SER A 96 -9.37 5.27 8.29
CA SER A 96 -8.30 6.14 7.84
C SER A 96 -7.23 6.27 8.92
N GLU A 97 -5.98 6.38 8.49
CA GLU A 97 -4.89 6.71 9.42
CA GLU A 97 -4.89 6.72 9.40
C GLU A 97 -5.22 7.95 10.23
N GLU A 98 -5.94 8.88 9.62
CA GLU A 98 -6.14 10.20 10.22
C GLU A 98 -7.33 10.27 11.17
N ASN A 99 -8.06 9.16 11.32
CA ASN A 99 -9.24 9.14 12.21
C ASN A 99 -9.10 8.06 13.27
N LYS A 100 -9.32 8.45 14.52
CA LYS A 100 -9.17 7.55 15.66
C LYS A 100 -10.10 6.34 15.53
N ASP A 101 -11.35 6.59 15.16
CA ASP A 101 -12.33 5.54 15.07
C ASP A 101 -12.74 5.28 13.63
N ALA A 102 -13.25 4.08 13.40
CA ALA A 102 -13.85 3.76 12.12
C ALA A 102 -15.00 4.73 11.84
N ILE A 103 -15.19 5.05 10.57
CA ILE A 103 -16.23 5.99 10.13
C ILE A 103 -17.34 5.18 9.50
N ILE A 104 -18.52 5.20 10.14
CA ILE A 104 -19.65 4.44 9.64
C ILE A 104 -20.45 5.32 8.68
N THR A 105 -20.69 4.82 7.47
CA THR A 105 -21.43 5.57 6.45
C THR A 105 -22.90 5.70 6.86
N ALA A 106 -23.46 6.89 6.65
CA ALA A 106 -24.89 7.16 6.87
C ALA A 106 -25.75 6.14 6.13
N LYS A 107 -26.79 5.64 6.80
CA LYS A 107 -27.65 4.59 6.24
C LYS A 107 -28.14 4.92 4.82
N GLU A 108 -28.46 6.19 4.61
CA GLU A 108 -28.97 6.69 3.34
C GLU A 108 -28.00 6.48 2.18
N LYS A 109 -26.69 6.46 2.48
CA LYS A 109 -25.66 6.34 1.45
C LYS A 109 -24.91 5.01 1.51
N ARG A 110 -25.47 4.05 2.24
CA ARG A 110 -24.74 2.84 2.62
C ARG A 110 -24.69 1.77 1.54
N GLY A 111 -23.48 1.32 1.24
CA GLY A 111 -23.25 0.19 0.34
C GLY A 111 -22.51 -0.93 1.07
N LYS A 112 -21.98 -1.89 0.32
CA LYS A 112 -21.45 -3.10 0.94
C LYS A 112 -19.96 -3.12 1.24
N TYR A 113 -19.24 -2.07 0.83
CA TYR A 113 -17.77 -2.13 0.91
C TYR A 113 -17.16 -1.37 2.07
N VAL A 114 -16.02 -1.89 2.50
CA VAL A 114 -15.23 -1.37 3.59
C VAL A 114 -13.92 -0.91 2.97
N VAL A 115 -13.50 0.31 3.24
CA VAL A 115 -12.26 0.83 2.67
C VAL A 115 -11.32 1.26 3.79
N CYS A 116 -10.10 0.73 3.75
CA CYS A 116 -9.04 1.13 4.68
C CYS A 116 -8.03 1.92 3.88
N PHE A 117 -7.72 3.14 4.31
CA PHE A 117 -6.80 3.94 3.51
C PHE A 117 -5.85 4.82 4.31
N ASP A 118 -4.72 5.13 3.70
CA ASP A 118 -3.77 6.11 4.17
C ASP A 118 -3.85 7.24 3.13
N PRO A 119 -4.46 8.37 3.50
CA PRO A 119 -4.75 9.35 2.46
C PRO A 119 -3.50 10.03 1.89
N LEU A 120 -2.48 10.13 2.72
CA LEU A 120 -1.18 10.70 2.32
CA LEU A 120 -1.19 10.68 2.31
C LEU A 120 -0.06 9.97 3.08
N ASP A 121 0.68 9.13 2.37
CA ASP A 121 1.79 8.33 2.94
C ASP A 121 3.10 9.05 2.62
N GLY A 122 3.98 9.16 3.62
CA GLY A 122 5.27 9.83 3.38
C GLY A 122 5.31 11.27 3.82
N SER A 123 4.52 11.59 4.84
CA SER A 123 4.39 12.97 5.33
C SER A 123 5.72 13.62 5.70
N SER A 124 6.67 12.82 6.19
CA SER A 124 8.00 13.34 6.55
C SER A 124 8.81 13.77 5.33
N ASN A 125 8.38 13.35 4.14
CA ASN A 125 9.05 13.67 2.88
C ASN A 125 8.33 14.76 2.08
N ILE A 126 7.22 15.30 2.59
CA ILE A 126 6.48 16.31 1.85
C ILE A 126 7.34 17.55 1.54
N ASP A 127 7.97 18.10 2.58
CA ASP A 127 8.70 19.37 2.48
C ASP A 127 9.98 19.33 1.65
N CYS A 128 10.56 18.14 1.48
CA CYS A 128 11.77 18.00 0.66
C CYS A 128 11.47 17.50 -0.75
N LEU A 129 10.16 17.41 -1.06
CA LEU A 129 9.66 17.06 -2.39
C LEU A 129 9.98 15.63 -2.85
N ALA A 130 10.24 14.73 -1.90
CA ALA A 130 10.42 13.34 -2.27
C ALA A 130 9.05 12.73 -2.60
N SER A 131 9.06 11.61 -3.31
CA SER A 131 7.85 10.88 -3.65
C SER A 131 7.03 10.57 -2.41
N ILE A 132 5.71 10.80 -2.51
CA ILE A 132 4.72 10.51 -1.46
C ILE A 132 3.53 9.82 -2.10
N GLY A 133 2.53 9.40 -1.32
CA GLY A 133 1.51 8.52 -1.88
C GLY A 133 0.19 8.43 -1.13
N THR A 134 -0.71 7.63 -1.69
CA THR A 134 -2.00 7.31 -1.07
C THR A 134 -2.16 5.80 -1.17
N ILE A 135 -2.62 5.14 -0.10
CA ILE A 135 -2.67 3.69 -0.08
C ILE A 135 -4.08 3.26 0.31
N PHE A 136 -4.59 2.19 -0.30
CA PHE A 136 -5.95 1.75 0.05
C PHE A 136 -6.17 0.26 -0.15
N ALA A 137 -7.06 -0.29 0.67
CA ALA A 137 -7.55 -1.65 0.50
C ALA A 137 -9.06 -1.67 0.68
N ILE A 138 -9.72 -2.44 -0.17
CA ILE A 138 -11.17 -2.55 -0.17
C ILE A 138 -11.58 -3.97 0.13
N TYR A 139 -12.56 -4.09 1.03
CA TYR A 139 -13.14 -5.36 1.46
C TYR A 139 -14.63 -5.31 1.25
N ARG A 140 -15.26 -6.49 1.12
CA ARG A 140 -16.71 -6.57 1.17
C ARG A 140 -17.12 -6.86 2.61
N LYS A 141 -18.16 -6.20 3.11
CA LYS A 141 -18.72 -6.57 4.41
C LYS A 141 -19.35 -7.96 4.27
N THR A 142 -18.92 -8.88 5.13
CA THR A 142 -19.43 -10.26 5.07
C THR A 142 -20.28 -10.61 6.28
N SER A 143 -20.21 -9.80 7.33
CA SER A 143 -21.02 -10.02 8.53
C SER A 143 -22.48 -9.65 8.25
N GLU A 144 -23.39 -10.21 9.05
CA GLU A 144 -24.81 -9.88 8.93
C GLU A 144 -25.23 -8.79 9.91
N ASP A 145 -24.27 -8.34 10.73
CA ASP A 145 -24.53 -7.36 11.79
C ASP A 145 -24.63 -5.92 11.27
N GLU A 146 -25.06 -5.00 12.13
CA GLU A 146 -24.92 -3.57 11.87
C GLU A 146 -23.44 -3.28 11.57
N PRO A 147 -23.17 -2.41 10.58
CA PRO A 147 -21.77 -2.11 10.25
C PRO A 147 -21.01 -1.48 11.42
N SER A 148 -19.75 -1.89 11.59
CA SER A 148 -18.93 -1.45 12.72
C SER A 148 -17.46 -1.57 12.34
N GLU A 149 -16.57 -1.15 13.25
CA GLU A 149 -15.12 -1.34 13.04
C GLU A 149 -14.76 -2.81 12.78
N LYS A 150 -15.55 -3.75 13.31
CA LYS A 150 -15.23 -5.16 13.14
C LYS A 150 -15.19 -5.58 11.67
N ASP A 151 -15.95 -4.88 10.83
CA ASP A 151 -15.99 -5.21 9.40
C ASP A 151 -14.68 -4.84 8.69
N ALA A 152 -13.88 -4.00 9.34
CA ALA A 152 -12.58 -3.59 8.83
C ALA A 152 -11.44 -4.45 9.41
N LEU A 153 -11.79 -5.45 10.22
CA LEU A 153 -10.78 -6.34 10.80
C LEU A 153 -10.65 -7.67 10.05
N GLN A 154 -10.89 -7.66 8.75
CA GLN A 154 -10.64 -8.85 7.95
C GLN A 154 -9.15 -9.03 7.67
N CYS A 155 -8.74 -10.29 7.49
CA CYS A 155 -7.38 -10.57 7.03
C CYS A 155 -7.22 -10.06 5.61
N GLY A 156 -6.00 -9.62 5.28
CA GLY A 156 -5.67 -9.16 3.91
C GLY A 156 -6.01 -10.15 2.81
N ARG A 157 -6.08 -11.44 3.13
CA ARG A 157 -6.52 -12.44 2.13
C ARG A 157 -7.89 -12.16 1.58
N ASN A 158 -8.70 -11.43 2.35
CA ASN A 158 -10.06 -11.13 1.93
C ASN A 158 -10.20 -9.86 1.13
N ILE A 159 -9.07 -9.25 0.77
CA ILE A 159 -9.14 -8.05 -0.09
C ILE A 159 -9.85 -8.30 -1.42
N VAL A 160 -10.72 -7.36 -1.78
CA VAL A 160 -11.43 -7.35 -3.07
C VAL A 160 -10.64 -6.54 -4.11
N ALA A 161 -10.06 -5.44 -3.67
CA ALA A 161 -9.23 -4.60 -4.53
C ALA A 161 -8.31 -3.79 -3.66
N ALA A 162 -7.10 -3.51 -4.15
CA ALA A 162 -6.18 -2.69 -3.36
C ALA A 162 -5.17 -2.05 -4.27
N GLY A 163 -4.48 -1.05 -3.75
CA GLY A 163 -3.44 -0.43 -4.55
C GLY A 163 -2.92 0.82 -3.92
N TYR A 164 -2.16 1.58 -4.70
CA TYR A 164 -1.62 2.83 -4.22
C TYR A 164 -1.48 3.83 -5.34
N ALA A 165 -1.43 5.10 -4.97
CA ALA A 165 -0.97 6.16 -5.87
C ALA A 165 0.40 6.62 -5.39
N LEU A 166 1.27 6.88 -6.35
CA LEU A 166 2.60 7.41 -6.08
C LEU A 166 2.70 8.75 -6.76
N TYR A 167 2.87 9.80 -5.96
CA TYR A 167 3.04 11.16 -6.45
C TYR A 167 4.55 11.40 -6.50
N GLY A 168 5.15 10.95 -7.59
CA GLY A 168 6.59 11.06 -7.79
C GLY A 168 6.92 12.00 -8.92
N SER A 169 7.98 11.67 -9.65
CA SER A 169 8.37 12.50 -10.79
C SER A 169 7.26 12.48 -11.84
N ALA A 170 6.51 11.38 -11.85
CA ALA A 170 5.21 11.32 -12.52
C ALA A 170 4.22 10.73 -11.52
N THR A 171 2.93 10.73 -11.84
CA THR A 171 1.92 10.19 -10.94
C THR A 171 1.46 8.85 -11.45
N LEU A 172 1.54 7.85 -10.59
CA LEU A 172 1.23 6.48 -10.97
C LEU A 172 0.23 5.86 -10.01
N VAL A 173 -0.64 4.99 -10.53
CA VAL A 173 -1.48 4.13 -9.69
C VAL A 173 -1.12 2.67 -9.98
N ALA A 174 -0.92 1.89 -8.91
CA ALA A 174 -0.86 0.44 -9.03
C ALA A 174 -2.17 -0.11 -8.47
N LEU A 175 -2.81 -1.00 -9.22
CA LEU A 175 -4.13 -1.47 -8.82
C LEU A 175 -4.23 -2.95 -9.09
N SER A 176 -4.78 -3.68 -8.13
CA SER A 176 -5.17 -5.08 -8.36
C SER A 176 -6.60 -5.31 -7.87
N THR A 177 -7.38 -6.04 -8.67
CA THR A 177 -8.69 -6.52 -8.22
C THR A 177 -8.67 -8.03 -8.19
N GLY A 178 -7.46 -8.61 -8.13
CA GLY A 178 -7.31 -10.05 -7.95
C GLY A 178 -6.77 -10.82 -9.16
N GLN A 179 -6.56 -10.10 -10.25
CA GLN A 179 -6.08 -10.69 -11.50
C GLN A 179 -4.73 -10.08 -11.89
N GLY A 180 -3.87 -9.91 -10.89
CA GLY A 180 -2.54 -9.34 -11.09
C GLY A 180 -2.50 -7.84 -10.84
N VAL A 181 -1.31 -7.27 -11.03
CA VAL A 181 -1.08 -5.85 -10.79
C VAL A 181 -0.97 -5.10 -12.11
N ASP A 182 -1.77 -4.04 -12.24
CA ASP A 182 -1.71 -3.18 -13.41
C ASP A 182 -1.19 -1.80 -12.98
N LEU A 183 -0.32 -1.21 -13.79
CA LEU A 183 0.19 0.14 -13.53
C LEU A 183 -0.37 1.15 -14.52
N PHE A 184 -0.81 2.29 -13.99
CA PHE A 184 -1.37 3.38 -14.79
C PHE A 184 -0.64 4.67 -14.48
N MET A 185 -0.49 5.52 -15.48
CA MET A 185 0.20 6.78 -15.28
CA MET A 185 0.21 6.78 -15.30
C MET A 185 -0.69 7.94 -15.66
N LEU A 186 -0.71 8.97 -14.83
CA LEU A 186 -1.51 10.17 -15.13
C LEU A 186 -0.92 10.94 -16.32
N ASP A 187 -1.73 11.11 -17.37
CA ASP A 187 -1.37 11.95 -18.51
C ASP A 187 -1.85 13.36 -18.18
N PRO A 188 -0.93 14.28 -17.88
CA PRO A 188 -1.34 15.60 -17.40
C PRO A 188 -2.09 16.39 -18.47
N ALA A 189 -1.80 16.13 -19.73
CA ALA A 189 -2.50 16.78 -20.84
C ALA A 189 -3.94 16.29 -21.00
N LEU A 190 -4.15 14.99 -20.80
CA LEU A 190 -5.46 14.38 -20.95
C LEU A 190 -6.29 14.50 -19.68
N GLY A 191 -5.61 14.53 -18.53
CA GLY A 191 -6.28 14.57 -17.25
C GLY A 191 -6.86 13.22 -16.87
N GLU A 192 -6.28 12.14 -17.40
CA GLU A 192 -6.69 10.79 -17.02
C GLU A 192 -5.49 9.86 -16.86
N PHE A 193 -5.66 8.84 -16.02
CA PHE A 193 -4.68 7.77 -15.87
C PHE A 193 -4.80 6.85 -17.07
N VAL A 194 -3.66 6.46 -17.62
CA VAL A 194 -3.57 5.58 -18.79
CA VAL A 194 -3.66 5.52 -18.73
C VAL A 194 -2.77 4.32 -18.42
N LEU A 195 -3.21 3.16 -18.90
CA LEU A 195 -2.48 1.91 -18.65
C LEU A 195 -1.10 1.94 -19.28
N VAL A 196 -0.07 1.69 -18.46
CA VAL A 196 1.29 1.59 -18.99
C VAL A 196 1.91 0.20 -18.88
N GLU A 197 1.43 -0.60 -17.94
CA GLU A 197 1.92 -1.98 -17.80
C GLU A 197 0.84 -2.87 -17.22
N LYS A 198 0.58 -3.98 -17.91
CA LYS A 198 -0.45 -4.92 -17.48
C LYS A 198 0.21 -6.14 -16.82
N ASP A 199 -0.33 -6.58 -15.69
CA ASP A 199 0.06 -7.85 -15.06
C ASP A 199 1.57 -7.89 -14.75
N VAL A 200 2.05 -6.87 -14.05
CA VAL A 200 3.48 -6.78 -13.71
CA VAL A 200 3.48 -6.80 -13.72
C VAL A 200 3.90 -7.86 -12.70
N LYS A 201 5.07 -8.43 -12.94
CA LYS A 201 5.64 -9.45 -12.06
C LYS A 201 6.97 -8.98 -11.52
N ILE A 202 7.16 -9.15 -10.21
CA ILE A 202 8.42 -8.84 -9.57
C ILE A 202 9.50 -9.87 -9.94
N LYS A 203 10.75 -9.41 -10.01
CA LYS A 203 11.89 -10.32 -10.24
C LYS A 203 11.98 -11.31 -9.08
N LYS A 204 12.46 -12.52 -9.38
CA LYS A 204 12.58 -13.54 -8.34
C LYS A 204 13.61 -13.18 -7.28
N LYS A 205 14.63 -12.44 -7.70
CA LYS A 205 15.68 -11.98 -6.81
C LYS A 205 16.18 -10.65 -7.31
N GLY A 206 16.39 -9.73 -6.38
CA GLY A 206 16.90 -8.40 -6.73
C GLY A 206 18.29 -8.16 -6.20
N LYS A 207 18.69 -6.89 -6.21
CA LYS A 207 20.04 -6.50 -5.84
C LYS A 207 20.05 -5.21 -5.06
N ILE A 208 18.88 -4.86 -4.50
CA ILE A 208 18.72 -3.66 -3.67
CA ILE A 208 18.73 -3.67 -3.66
C ILE A 208 18.07 -4.08 -2.35
N TYR A 209 18.61 -3.58 -1.25
CA TYR A 209 17.94 -3.74 0.05
C TYR A 209 17.58 -2.36 0.59
N SER A 210 16.43 -2.28 1.24
CA SER A 210 15.86 -0.98 1.61
C SER A 210 15.29 -1.00 3.02
N LEU A 211 15.96 -0.32 3.93
CA LEU A 211 15.49 -0.16 5.31
C LEU A 211 16.22 1.01 5.94
N ASN A 212 15.65 1.55 7.01
CA ASN A 212 16.31 2.63 7.73
C ASN A 212 17.40 2.05 8.62
N GLU A 213 18.65 2.13 8.18
CA GLU A 213 19.78 1.59 8.95
C GLU A 213 20.12 2.47 10.16
N GLY A 214 19.46 3.64 10.30
CA GLY A 214 19.57 4.45 11.51
C GLY A 214 19.02 3.76 12.75
N TYR A 215 18.27 2.68 12.55
CA TYR A 215 17.73 1.91 13.67
CA TYR A 215 17.72 1.89 13.66
C TYR A 215 18.59 0.67 13.98
N ALA A 216 19.79 0.60 13.39
CA ALA A 216 20.68 -0.58 13.53
C ALA A 216 20.93 -1.00 14.99
N LYS A 217 21.12 0.00 15.85
CA LYS A 217 21.35 -0.23 17.28
C LYS A 217 20.19 -0.98 17.92
N TYR A 218 19.01 -0.92 17.29
CA TYR A 218 17.79 -1.45 17.89
C TYR A 218 17.29 -2.72 17.20
N PHE A 219 18.00 -3.15 16.15
CA PHE A 219 17.57 -4.29 15.36
C PHE A 219 17.60 -5.59 16.16
N ASP A 220 16.76 -6.54 15.79
CA ASP A 220 16.93 -7.90 16.32
C ASP A 220 18.08 -8.61 15.63
N ALA A 221 18.46 -9.78 16.14
CA ALA A 221 19.58 -10.53 15.60
C ALA A 221 19.37 -10.93 14.15
N ALA A 222 18.15 -11.36 13.83
CA ALA A 222 17.86 -11.77 12.44
C ALA A 222 18.07 -10.63 11.44
N THR A 223 17.62 -9.43 11.80
CA THR A 223 17.74 -8.28 10.90
C THR A 223 19.21 -7.89 10.76
N THR A 224 19.92 -7.89 11.88
CA THR A 224 21.35 -7.58 11.85
C THR A 224 22.08 -8.58 10.95
N GLU A 225 21.74 -9.85 11.07
CA GLU A 225 22.40 -10.90 10.28
C GLU A 225 22.09 -10.76 8.79
N TYR A 226 20.83 -10.47 8.47
CA TYR A 226 20.43 -10.35 7.08
C TYR A 226 21.13 -9.17 6.42
N VAL A 227 21.13 -8.03 7.10
CA VAL A 227 21.76 -6.82 6.56
C VAL A 227 23.26 -7.04 6.35
N GLN A 228 23.90 -7.78 7.27
CA GLN A 228 25.31 -8.13 7.14
C GLN A 228 25.53 -8.99 5.89
N LYS A 229 24.60 -9.89 5.61
CA LYS A 229 24.68 -10.75 4.41
C LYS A 229 24.57 -9.91 3.13
N LYS A 230 23.78 -8.83 3.17
CA LYS A 230 23.62 -7.98 1.99
C LYS A 230 24.84 -7.10 1.71
N LYS A 231 25.51 -6.67 2.77
CA LYS A 231 26.66 -5.78 2.67
C LYS A 231 27.98 -6.53 2.57
N PHE A 232 28.04 -7.70 3.20
CA PHE A 232 29.26 -8.51 3.24
C PHE A 232 28.91 -9.95 2.86
N PRO A 233 28.60 -10.17 1.57
CA PRO A 233 28.19 -11.51 1.17
C PRO A 233 29.33 -12.49 1.42
N GLU A 234 28.99 -13.73 1.70
CA GLU A 234 30.03 -14.71 2.00
C GLU A 234 30.24 -15.69 0.87
N ASP A 235 29.67 -15.39 -0.30
CA ASP A 235 29.81 -16.28 -1.47
C ASP A 235 30.53 -15.61 -2.63
N GLY A 236 31.14 -14.46 -2.38
CA GLY A 236 31.86 -13.72 -3.43
C GLY A 236 31.00 -12.89 -4.36
N SER A 237 29.68 -12.87 -4.12
CA SER A 237 28.78 -12.01 -4.90
C SER A 237 28.95 -10.55 -4.49
N ALA A 238 28.50 -9.64 -5.35
CA ALA A 238 28.57 -8.21 -5.05
C ALA A 238 27.56 -7.86 -3.98
N PRO A 239 27.96 -6.98 -3.06
CA PRO A 239 26.98 -6.49 -2.09
C PRO A 239 25.78 -5.88 -2.81
N TYR A 240 24.61 -5.98 -2.18
CA TYR A 240 23.43 -5.28 -2.69
C TYR A 240 23.62 -3.77 -2.55
N GLY A 241 23.01 -3.02 -3.46
CA GLY A 241 22.94 -1.58 -3.30
C GLY A 241 21.89 -1.24 -2.25
N ALA A 242 22.07 -0.11 -1.59
CA ALA A 242 21.09 0.35 -0.59
C ALA A 242 20.27 1.52 -1.14
N ARG A 243 18.96 1.50 -0.89
CA ARG A 243 18.11 2.64 -1.21
C ARG A 243 17.05 2.74 -0.16
N TYR A 244 16.76 3.96 0.30
CA TYR A 244 15.69 4.18 1.27
C TYR A 244 15.18 5.60 1.17
N VAL A 245 14.07 5.77 0.47
CA VAL A 245 13.50 7.10 0.29
C VAL A 245 12.90 7.57 1.61
N GLY A 246 12.32 6.64 2.36
CA GLY A 246 11.69 6.98 3.62
C GLY A 246 10.19 7.26 3.50
N SER A 247 9.69 7.12 2.27
CA SER A 247 8.25 7.09 2.00
CA SER A 247 8.27 7.12 2.01
C SER A 247 7.95 5.68 1.58
N MET A 248 7.14 4.96 2.37
CA MET A 248 6.96 3.54 2.12
CA MET A 248 6.92 3.53 2.12
C MET A 248 6.44 3.25 0.70
N VAL A 249 5.51 4.06 0.22
CA VAL A 249 4.99 3.83 -1.14
CA VAL A 249 4.99 3.84 -1.15
C VAL A 249 6.09 3.92 -2.20
N ALA A 250 7.01 4.87 -2.04
CA ALA A 250 8.09 5.02 -3.01
C ALA A 250 9.04 3.84 -2.93
N ASP A 251 9.41 3.44 -1.72
CA ASP A 251 10.33 2.31 -1.56
C ASP A 251 9.69 1.00 -2.00
N VAL A 252 8.40 0.81 -1.71
CA VAL A 252 7.71 -0.40 -2.14
C VAL A 252 7.55 -0.41 -3.67
N HIS A 253 7.20 0.74 -4.27
CA HIS A 253 7.07 0.76 -5.73
C HIS A 253 8.38 0.43 -6.42
N ARG A 254 9.48 1.01 -5.94
CA ARG A 254 10.79 0.64 -6.48
C ARG A 254 11.05 -0.85 -6.34
N THR A 255 10.67 -1.40 -5.20
CA THR A 255 10.89 -2.84 -4.97
C THR A 255 10.11 -3.66 -6.00
N LEU A 256 8.89 -3.23 -6.31
CA LEU A 256 8.07 -3.91 -7.31
C LEU A 256 8.73 -3.88 -8.68
N VAL A 257 9.17 -2.70 -9.10
CA VAL A 257 9.62 -2.57 -10.50
C VAL A 257 11.10 -2.93 -10.73
N TYR A 258 11.92 -2.83 -9.70
CA TYR A 258 13.34 -3.18 -9.80
C TYR A 258 13.71 -4.49 -9.12
N GLY A 259 12.85 -4.94 -8.20
CA GLY A 259 13.14 -6.11 -7.38
C GLY A 259 13.99 -5.79 -6.17
N GLY A 260 14.15 -6.79 -5.32
CA GLY A 260 14.93 -6.63 -4.10
C GLY A 260 14.02 -6.72 -2.90
N ILE A 261 14.38 -6.02 -1.83
CA ILE A 261 13.68 -6.19 -0.56
C ILE A 261 13.53 -4.86 0.16
N PHE A 262 12.37 -4.73 0.82
CA PHE A 262 12.05 -3.59 1.64
C PHE A 262 11.71 -4.11 3.02
N LEU A 263 12.27 -3.48 4.05
CA LEU A 263 12.03 -3.91 5.44
C LEU A 263 11.71 -2.75 6.35
N TYR A 264 10.67 -2.94 7.15
CA TYR A 264 10.49 -2.14 8.36
C TYR A 264 10.17 -3.15 9.45
N PRO A 265 11.22 -3.80 9.98
CA PRO A 265 10.99 -4.85 10.95
C PRO A 265 10.68 -4.28 12.33
N ALA A 266 10.25 -5.14 13.24
CA ALA A 266 10.19 -4.72 14.64
C ALA A 266 11.60 -4.38 15.10
N ASN A 267 11.69 -3.49 16.09
CA ASN A 267 12.98 -3.16 16.68
C ASN A 267 12.73 -2.78 18.14
N GLN A 268 13.79 -2.52 18.90
CA GLN A 268 13.63 -2.19 20.34
C GLN A 268 12.69 -1.02 20.65
N LYS A 269 12.70 0.01 19.80
CA LYS A 269 11.84 1.19 19.96
C LYS A 269 10.41 0.95 19.45
N SER A 270 10.26 0.01 18.53
CA SER A 270 8.96 -0.33 17.93
C SER A 270 8.79 -1.85 17.95
N PRO A 271 8.51 -2.42 19.12
CA PRO A 271 8.51 -3.89 19.24
C PRO A 271 7.47 -4.63 18.42
N LYS A 272 6.44 -3.92 17.96
CA LYS A 272 5.43 -4.50 17.08
C LYS A 272 5.53 -3.97 15.65
N GLY A 273 6.64 -3.32 15.34
CA GLY A 273 6.80 -2.62 14.07
C GLY A 273 6.23 -1.22 14.13
N LYS A 274 6.41 -0.47 13.06
CA LYS A 274 5.92 0.90 12.97
C LYS A 274 4.73 1.02 12.02
N LEU A 275 4.82 0.32 10.89
CA LEU A 275 3.81 0.45 9.85
C LEU A 275 2.46 -0.15 10.24
N ARG A 276 1.38 0.40 9.68
CA ARG A 276 0.04 0.07 10.12
C ARG A 276 -0.56 -1.03 9.27
N LEU A 277 -1.11 -2.05 9.93
CA LEU A 277 -1.59 -3.22 9.21
C LEU A 277 -2.72 -2.94 8.22
N LEU A 278 -3.75 -2.20 8.65
CA LEU A 278 -4.95 -2.10 7.83
C LEU A 278 -4.75 -1.34 6.54
N TYR A 279 -4.02 -0.23 6.62
CA TYR A 279 -4.04 0.74 5.52
C TYR A 279 -2.66 1.09 4.98
N GLU A 280 -1.64 0.44 5.51
CA GLU A 280 -0.29 0.53 4.94
C GLU A 280 0.18 -0.85 4.49
N CYS A 281 0.28 -1.79 5.43
CA CYS A 281 0.88 -3.09 5.15
C CYS A 281 0.02 -4.02 4.29
N ASN A 282 -1.25 -4.20 4.66
CA ASN A 282 -2.09 -5.11 3.85
C ASN A 282 -2.19 -4.67 2.38
N PRO A 283 -2.41 -3.37 2.11
CA PRO A 283 -2.52 -3.01 0.68
C PRO A 283 -1.25 -3.31 -0.11
N VAL A 284 -0.07 -2.97 0.44
CA VAL A 284 1.15 -3.23 -0.32
C VAL A 284 1.52 -4.70 -0.35
N ALA A 285 1.17 -5.46 0.71
CA ALA A 285 1.35 -6.90 0.71
C ALA A 285 0.51 -7.55 -0.39
N TYR A 286 -0.70 -7.05 -0.58
CA TYR A 286 -1.59 -7.55 -1.61
C TYR A 286 -1.01 -7.31 -3.00
N ILE A 287 -0.54 -6.09 -3.24
CA ILE A 287 0.10 -5.77 -4.52
C ILE A 287 1.33 -6.64 -4.76
N ILE A 288 2.20 -6.75 -3.75
CA ILE A 288 3.43 -7.51 -3.91
C ILE A 288 3.16 -9.01 -4.14
N GLU A 289 2.25 -9.59 -3.36
CA GLU A 289 1.88 -11.00 -3.60
C GLU A 289 1.24 -11.21 -4.97
N GLN A 290 0.40 -10.27 -5.38
CA GLN A 290 -0.23 -10.36 -6.71
C GLN A 290 0.80 -10.34 -7.85
N ALA A 291 1.91 -9.65 -7.62
CA ALA A 291 3.02 -9.57 -8.59
C ALA A 291 4.02 -10.72 -8.45
N GLY A 292 3.73 -11.68 -7.59
CA GLY A 292 4.59 -12.85 -7.45
C GLY A 292 5.68 -12.72 -6.41
N GLY A 293 5.52 -11.74 -5.53
CA GLY A 293 6.45 -11.55 -4.42
C GLY A 293 5.90 -12.09 -3.10
N LEU A 294 6.62 -11.76 -2.02
CA LEU A 294 6.25 -12.22 -0.68
C LEU A 294 6.21 -11.01 0.23
N ALA A 295 5.34 -11.07 1.23
CA ALA A 295 5.26 -10.03 2.25
C ALA A 295 4.99 -10.66 3.60
N THR A 296 5.97 -10.54 4.49
CA THR A 296 5.94 -11.25 5.78
C THR A 296 6.12 -10.30 6.96
N THR A 297 5.61 -10.70 8.12
CA THR A 297 5.91 -10.03 9.38
C THR A 297 7.22 -10.55 9.97
N GLY A 298 7.73 -11.62 9.37
CA GLY A 298 8.86 -12.35 9.92
C GLY A 298 8.42 -13.72 10.44
N THR A 299 7.16 -13.80 10.85
CA THR A 299 6.58 -15.07 11.36
C THR A 299 5.43 -15.62 10.53
N GLN A 300 4.76 -14.76 9.76
CA GLN A 300 3.68 -15.21 8.88
C GLN A 300 3.44 -14.18 7.78
N PRO A 301 2.77 -14.59 6.69
CA PRO A 301 2.42 -13.59 5.68
C PRO A 301 1.55 -12.49 6.28
N VAL A 302 1.86 -11.25 5.90
CA VAL A 302 1.08 -10.09 6.33
C VAL A 302 -0.43 -10.32 6.07
N LEU A 303 -0.74 -10.85 4.90
CA LEU A 303 -2.13 -11.01 4.48
C LEU A 303 -2.90 -12.04 5.32
N ASP A 304 -2.16 -12.86 6.09
CA ASP A 304 -2.81 -13.85 6.96
C ASP A 304 -2.97 -13.39 8.39
N VAL A 305 -2.37 -12.26 8.74
CA VAL A 305 -2.55 -11.71 10.09
C VAL A 305 -4.02 -11.33 10.30
N LYS A 306 -4.61 -11.82 11.39
CA LYS A 306 -5.94 -11.37 11.76
C LYS A 306 -5.84 -10.09 12.57
N PRO A 307 -6.33 -8.96 11.99
CA PRO A 307 -6.24 -7.70 12.75
C PRO A 307 -7.08 -7.74 14.03
N GLU A 308 -6.53 -7.18 15.09
CA GLU A 308 -7.29 -7.06 16.34
C GLU A 308 -7.71 -5.64 16.68
N ALA A 309 -7.11 -4.65 16.04
CA ALA A 309 -7.48 -3.26 16.26
C ALA A 309 -7.19 -2.50 14.99
N ILE A 310 -7.97 -1.45 14.73
CA ILE A 310 -7.89 -0.76 13.43
C ILE A 310 -6.56 -0.04 13.15
N HIS A 311 -5.84 0.36 14.20
CA HIS A 311 -4.55 1.04 14.04
C HIS A 311 -3.38 0.18 14.48
N GLN A 312 -3.61 -1.14 14.48
CA GLN A 312 -2.57 -2.11 14.81
C GLN A 312 -1.35 -1.95 13.90
N ARG A 313 -0.17 -2.07 14.51
CA ARG A 313 1.09 -2.07 13.77
C ARG A 313 1.56 -3.49 13.55
N VAL A 314 2.29 -3.70 12.46
CA VAL A 314 2.98 -4.98 12.24
C VAL A 314 4.34 -4.73 11.61
N PRO A 315 5.30 -5.65 11.83
CA PRO A 315 6.53 -5.63 11.03
C PRO A 315 6.21 -5.93 9.58
N LEU A 316 7.04 -5.40 8.67
CA LEU A 316 6.82 -5.60 7.24
C LEU A 316 8.13 -5.87 6.54
N ILE A 317 8.23 -7.02 5.88
CA ILE A 317 9.40 -7.35 5.07
C ILE A 317 8.82 -7.86 3.77
N LEU A 318 9.13 -7.24 2.64
CA LEU A 318 8.48 -7.65 1.40
C LEU A 318 9.39 -7.50 0.19
N GLY A 319 9.01 -8.15 -0.90
CA GLY A 319 9.71 -7.98 -2.17
C GLY A 319 9.90 -9.26 -2.93
N SER A 320 11.03 -9.35 -3.62
CA SER A 320 11.36 -10.52 -4.44
C SER A 320 11.35 -11.76 -3.57
N PRO A 321 10.72 -12.85 -4.06
CA PRO A 321 10.52 -14.00 -3.19
C PRO A 321 11.81 -14.59 -2.68
N GLU A 322 12.86 -14.67 -3.50
CA GLU A 322 14.11 -15.30 -3.00
C GLU A 322 14.77 -14.46 -1.90
N ASP A 323 14.61 -13.14 -1.99
CA ASP A 323 15.17 -12.26 -0.97
C ASP A 323 14.41 -12.36 0.34
N VAL A 324 13.07 -12.35 0.27
CA VAL A 324 12.26 -12.50 1.47
C VAL A 324 12.50 -13.87 2.11
N GLN A 325 12.59 -14.91 1.29
CA GLN A 325 12.93 -16.26 1.78
C GLN A 325 14.26 -16.28 2.52
N GLU A 326 15.26 -15.57 2.01
CA GLU A 326 16.53 -15.46 2.72
C GLU A 326 16.40 -14.75 4.07
N TYR A 327 15.59 -13.70 4.10
CA TYR A 327 15.31 -13.03 5.38
C TYR A 327 14.67 -14.01 6.36
N LEU A 328 13.70 -14.78 5.88
CA LEU A 328 12.99 -15.72 6.74
C LEU A 328 13.92 -16.81 7.29
N THR A 329 14.91 -17.22 6.50
CA THR A 329 15.95 -18.14 6.99
C THR A 329 16.73 -17.52 8.17
N CYS A 330 17.05 -16.23 8.09
CA CYS A 330 17.69 -15.52 9.20
C CYS A 330 16.83 -15.49 10.44
N VAL A 331 15.52 -15.27 10.26
CA VAL A 331 14.59 -15.32 11.39
C VAL A 331 14.58 -16.70 12.04
N GLN A 332 14.47 -17.73 11.20
CA GLN A 332 14.44 -19.13 11.65
C GLN A 332 15.69 -19.48 12.43
N LYS A 333 16.85 -19.05 11.91
CA LYS A 333 18.16 -19.36 12.49
C LYS A 333 18.40 -18.67 13.85
N ASN A 334 17.67 -17.58 14.09
CA ASN A 334 17.86 -16.77 15.30
C ASN A 334 16.70 -16.84 16.30
N GLN A 335 15.70 -17.68 16.02
CA GLN A 335 14.50 -17.76 16.86
C GLN A 335 14.74 -18.50 18.17
P AMP B . -20.44 -5.17 -7.23
O1P AMP B . -20.13 -3.87 -7.93
O2P AMP B . -21.75 -5.80 -7.70
O3P AMP B . -20.28 -5.12 -5.74
O5' AMP B . -19.31 -6.20 -7.75
C5' AMP B . -19.29 -7.55 -7.27
C4' AMP B . -17.88 -8.13 -7.39
O4' AMP B . -17.49 -8.19 -8.77
C3' AMP B . -16.80 -7.30 -6.70
O3' AMP B . -16.66 -7.59 -5.31
C2' AMP B . -15.57 -7.65 -7.51
O2' AMP B . -14.98 -8.85 -7.02
C1' AMP B . -16.11 -7.83 -8.92
N9 AMP B . -16.05 -6.50 -9.58
C8 AMP B . -17.06 -5.61 -9.64
N7 AMP B . -16.68 -4.46 -10.27
C5 AMP B . -15.40 -4.64 -10.64
C6 AMP B . -14.39 -3.83 -11.35
N6 AMP B . -14.68 -2.59 -11.80
N1 AMP B . -13.16 -4.39 -11.54
C2 AMP B . -12.85 -5.62 -11.10
N3 AMP B . -13.73 -6.42 -10.43
C4 AMP B . -14.98 -5.98 -10.19
P PO3 C . 2.53 8.41 6.97
O1 PO3 C . 3.55 9.38 6.44
O2 PO3 C . 1.34 7.99 6.13
O3 PO3 C . 2.44 8.24 8.47
MG MG D . 1.98 6.05 5.59
ZN ZN E . 0.79 6.42 6.80
MG MG F . -0.29 8.90 6.10
MG MG G . 1.40 9.82 9.25
CL CL H . 11.87 10.40 -4.30
#